data_2GQU
#
_entry.id   2GQU
#
_cell.length_a   29.817
_cell.length_b   46.850
_cell.length_c   48.593
_cell.angle_alpha   65.26
_cell.angle_beta   76.13
_cell.angle_gamma   84.01
#
_symmetry.space_group_name_H-M   'P 1'
#
loop_
_entity.id
_entity.type
_entity.pdbx_description
1 polymer 'UDP-N-Acetylenolpyruvylglucosamine Reductase'
2 non-polymer 'FLAVIN-ADENINE DINUCLEOTIDE'
3 non-polymer 'URIDINE-DIPHOSPHATE-2(N-ACETYLGLUCOSAMINYL) BUTYRIC ACID'
4 water water
#
_entity_poly.entity_id   1
_entity_poly.type   'polypeptide(L)'
_entity_poly.pdbx_seq_one_letter_code
;MEFMRVERVLLKDYTTLGVGGPAELWTVETREELKRATEAPYRVLGNGSNLLVLDEGVPERVIRLAGEFQTYDLKGWVGA
GTLLPLLVQEAARAGLSGLEGLLGIPAQVGGAVKMNAGTRFGEMADALEAVEVFHDGAFHVYCPEELGFGYRKSHLPPGG
IVTRVRLKLKERPKEEILRRMAEVDRARKGQPKRKSAGCAFKNPPGQSAGRLIDERGLKGLRVGDAMISLEHGNFIVNLG
QARAKDVLELVRRVQEELPLELEWEVWP
;
_entity_poly.pdbx_strand_id   A
#
# COMPACT_ATOMS: atom_id res chain seq x y z
N PHE A 3 -23.31 15.08 -0.74
CA PHE A 3 -22.62 16.17 -1.48
C PHE A 3 -21.12 15.93 -1.47
N MET A 4 -20.74 14.70 -1.78
CA MET A 4 -19.34 14.43 -1.80
C MET A 4 -18.72 14.90 -3.10
N ARG A 5 -17.43 15.16 -3.04
CA ARG A 5 -16.66 15.57 -4.19
C ARG A 5 -16.46 14.38 -5.13
N VAL A 6 -16.84 14.58 -6.39
CA VAL A 6 -16.60 13.62 -7.46
C VAL A 6 -15.96 14.40 -8.60
N GLU A 7 -14.81 13.94 -9.07
CA GLU A 7 -14.17 14.58 -10.21
C GLU A 7 -13.34 13.59 -11.01
N ARG A 8 -13.18 13.88 -12.30
CA ARG A 8 -12.29 13.08 -13.13
C ARG A 8 -10.86 13.52 -12.89
N VAL A 9 -9.98 12.54 -12.65
CA VAL A 9 -8.57 12.81 -12.43
C VAL A 9 -7.75 11.88 -13.29
N LEU A 10 -6.43 12.13 -13.33
CA LEU A 10 -5.47 11.17 -13.88
C LEU A 10 -4.79 10.45 -12.72
N LEU A 11 -4.88 9.12 -12.70
CA LEU A 11 -4.36 8.36 -11.53
C LEU A 11 -2.83 8.42 -11.39
N LYS A 12 -2.15 8.88 -12.43
CA LYS A 12 -0.72 9.16 -12.32
C LYS A 12 -0.42 10.13 -11.17
N ASP A 13 -1.38 10.99 -10.87
CA ASP A 13 -1.23 11.98 -9.83
C ASP A 13 -1.55 11.43 -8.43
N TYR A 14 -2.01 10.18 -8.37
CA TYR A 14 -2.53 9.57 -7.15
C TYR A 14 -1.84 8.24 -6.83
N THR A 15 -0.71 7.98 -7.50
CA THR A 15 0.07 6.77 -7.26
C THR A 15 1.52 7.18 -7.05
N THR A 16 2.23 6.42 -6.21
CA THR A 16 3.61 6.79 -5.90
C THR A 16 4.53 6.58 -7.13
N LEU A 17 4.19 5.60 -7.97
CA LEU A 17 4.89 5.38 -9.24
C LEU A 17 4.69 6.53 -10.25
N GLY A 18 3.54 7.19 -10.18
CA GLY A 18 3.31 8.36 -11.03
C GLY A 18 2.89 8.01 -12.44
N VAL A 19 2.20 6.87 -12.59
CA VAL A 19 1.59 6.49 -13.86
C VAL A 19 0.11 6.16 -13.64
N GLY A 20 -0.71 6.32 -14.69
CA GLY A 20 -2.11 5.96 -14.63
C GLY A 20 -3.03 6.92 -15.36
N GLY A 21 -3.95 6.35 -16.12
CA GLY A 21 -4.92 7.11 -16.88
C GLY A 21 -6.10 7.62 -16.08
N PRO A 22 -7.15 8.06 -16.78
CA PRO A 22 -8.29 8.72 -16.13
C PRO A 22 -9.21 7.84 -15.29
N ALA A 23 -9.75 8.43 -14.24
CA ALA A 23 -10.73 7.77 -13.40
C ALA A 23 -11.62 8.80 -12.74
N GLU A 24 -12.83 8.37 -12.40
CA GLU A 24 -13.78 9.18 -11.66
C GLU A 24 -13.55 8.94 -10.17
N LEU A 25 -13.05 9.97 -9.49
CA LEU A 25 -12.66 9.87 -8.09
C LEU A 25 -13.74 10.38 -7.15
N TRP A 26 -14.18 9.52 -6.24
CA TRP A 26 -15.21 9.86 -5.25
C TRP A 26 -14.52 10.01 -3.90
N THR A 27 -14.52 11.20 -3.33
CA THR A 27 -13.93 11.41 -2.00
C THR A 27 -15.02 11.31 -0.95
N VAL A 28 -14.96 10.24 -0.17
CA VAL A 28 -15.99 9.91 0.81
C VAL A 28 -15.53 10.38 2.18
N GLU A 29 -16.39 11.14 2.88
CA GLU A 29 -16.06 11.69 4.19
C GLU A 29 -16.88 11.13 5.35
N THR A 30 -18.00 10.48 5.06
CA THR A 30 -18.89 9.97 6.12
C THR A 30 -19.41 8.57 5.80
N ARG A 31 -19.93 7.88 6.81
CA ARG A 31 -20.52 6.53 6.64
C ARG A 31 -21.62 6.54 5.57
N GLU A 32 -22.48 7.56 5.61
CA GLU A 32 -23.60 7.64 4.68
C GLU A 32 -23.13 7.93 3.26
N GLU A 33 -22.06 8.71 3.12
CA GLU A 33 -21.46 8.99 1.82
C GLU A 33 -20.83 7.73 1.23
N LEU A 34 -20.24 6.91 2.09
CA LEU A 34 -19.72 5.62 1.65
C LEU A 34 -20.84 4.72 1.14
N LYS A 35 -21.97 4.69 1.85
CA LYS A 35 -23.13 3.91 1.41
C LYS A 35 -23.59 4.32 0.00
N ARG A 36 -23.59 5.62 -0.29
CA ARG A 36 -23.95 6.16 -1.60
C ARG A 36 -22.94 5.83 -2.70
N ALA A 37 -21.65 6.01 -2.40
CA ALA A 37 -20.61 5.86 -3.41
C ALA A 37 -20.49 4.42 -3.90
N THR A 38 -20.83 3.48 -3.03
CA THR A 38 -20.76 2.05 -3.34
C THR A 38 -22.02 1.47 -4.01
N GLU A 39 -22.92 2.32 -4.47
CA GLU A 39 -24.16 1.85 -5.12
C GLU A 39 -23.95 1.38 -6.57
N ALA A 40 -22.78 1.69 -7.12
CA ALA A 40 -22.37 1.22 -8.43
C ALA A 40 -20.98 0.61 -8.31
N PRO A 41 -20.52 -0.14 -9.33
CA PRO A 41 -19.19 -0.76 -9.27
C PRO A 41 -18.08 0.21 -8.90
N TYR A 42 -17.21 -0.22 -7.98
CA TYR A 42 -16.18 0.65 -7.42
C TYR A 42 -14.86 -0.08 -7.18
N ARG A 43 -13.79 0.69 -7.05
CA ARG A 43 -12.52 0.22 -6.51
C ARG A 43 -12.16 1.16 -5.38
N VAL A 44 -11.33 0.71 -4.45
CA VAL A 44 -10.84 1.61 -3.39
C VAL A 44 -9.39 1.99 -3.61
N LEU A 45 -9.09 3.27 -3.49
CA LEU A 45 -7.74 3.77 -3.63
C LEU A 45 -7.21 4.20 -2.28
N GLY A 46 -6.07 3.65 -1.87
CA GLY A 46 -5.39 4.11 -0.66
C GLY A 46 -4.37 5.17 -1.03
N ASN A 47 -3.13 4.98 -0.59
CA ASN A 47 -2.07 5.91 -0.97
C ASN A 47 -1.46 5.61 -2.34
N GLY A 48 -2.02 4.63 -3.04
CA GLY A 48 -1.57 4.26 -4.38
C GLY A 48 -0.11 3.83 -4.46
N SER A 49 0.38 3.21 -3.38
CA SER A 49 1.78 2.82 -3.28
C SER A 49 2.07 1.38 -3.74
N ASN A 50 1.02 0.61 -4.05
CA ASN A 50 1.19 -0.74 -4.61
C ASN A 50 0.51 -0.93 -5.97
N LEU A 51 0.16 0.17 -6.61
CA LEU A 51 -0.64 0.14 -7.83
C LEU A 51 0.13 0.48 -9.09
N LEU A 52 -0.03 -0.37 -10.09
CA LEU A 52 0.37 -0.02 -11.44
C LEU A 52 -0.93 0.22 -12.21
N VAL A 53 -1.23 1.49 -12.48
CA VAL A 53 -2.46 1.85 -13.19
C VAL A 53 -2.10 2.06 -14.65
N LEU A 54 -2.81 1.36 -15.52
CA LEU A 54 -2.53 1.42 -16.94
C LEU A 54 -2.95 2.75 -17.54
N ASP A 55 -2.40 3.05 -18.72
CA ASP A 55 -2.61 4.33 -19.35
C ASP A 55 -4.08 4.65 -19.69
N GLU A 56 -4.91 3.63 -19.87
CA GLU A 56 -6.35 3.82 -20.12
C GLU A 56 -7.18 4.14 -18.88
N GLY A 57 -6.57 4.02 -17.70
CA GLY A 57 -7.30 4.27 -16.45
C GLY A 57 -8.34 3.19 -16.19
N VAL A 58 -9.34 3.51 -15.37
CA VAL A 58 -10.39 2.54 -15.01
C VAL A 58 -11.78 3.16 -15.13
N PRO A 59 -12.80 2.35 -15.48
CA PRO A 59 -14.18 2.85 -15.61
C PRO A 59 -15.03 2.89 -14.34
N GLU A 60 -14.62 2.18 -13.29
CA GLU A 60 -15.40 2.11 -12.06
C GLU A 60 -15.22 3.37 -11.21
N ARG A 61 -16.15 3.63 -10.30
CA ARG A 61 -15.96 4.68 -9.32
C ARG A 61 -14.72 4.32 -8.51
N VAL A 62 -13.82 5.29 -8.34
CA VAL A 62 -12.64 5.08 -7.49
C VAL A 62 -12.86 5.83 -6.20
N ILE A 63 -12.94 5.09 -5.10
CA ILE A 63 -13.27 5.64 -3.80
C ILE A 63 -12.03 5.93 -2.97
N ARG A 64 -11.93 7.16 -2.47
CA ARG A 64 -10.90 7.50 -1.48
C ARG A 64 -11.59 7.87 -0.19
N LEU A 65 -11.00 7.42 0.92
CA LEU A 65 -11.58 7.63 2.24
C LEU A 65 -10.91 8.80 2.91
N ALA A 66 -11.71 9.84 3.18
CA ALA A 66 -11.24 11.06 3.86
C ALA A 66 -12.19 11.41 5.00
N GLY A 67 -12.20 12.66 5.44
CA GLY A 67 -13.10 13.09 6.52
C GLY A 67 -12.96 12.22 7.76
N GLU A 68 -14.07 11.63 8.19
CA GLU A 68 -14.09 10.81 9.40
C GLU A 68 -13.15 9.61 9.29
N PHE A 69 -12.88 9.17 8.06
CA PHE A 69 -12.01 8.03 7.85
C PHE A 69 -10.52 8.36 8.00
N GLN A 70 -10.20 9.64 8.22
CA GLN A 70 -8.83 10.10 8.43
C GLN A 70 -8.57 10.49 9.90
N THR A 71 -9.59 10.37 10.73
CA THR A 71 -9.45 10.64 12.16
C THR A 71 -8.94 9.40 12.88
N TYR A 72 -8.20 9.59 13.96
CA TYR A 72 -7.63 8.44 14.67
C TYR A 72 -7.38 8.70 16.14
N ASP A 73 -7.42 7.62 16.90
CA ASP A 73 -6.99 7.61 18.28
C ASP A 73 -6.15 6.34 18.47
N LEU A 74 -4.88 6.48 18.80
CA LEU A 74 -4.03 5.29 18.97
C LEU A 74 -4.56 4.25 19.95
N LYS A 75 -5.32 4.73 20.94
CA LYS A 75 -5.86 3.88 22.01
C LYS A 75 -7.33 3.58 21.74
N GLY A 76 -7.78 3.99 20.56
CA GLY A 76 -9.16 3.75 20.16
C GLY A 76 -9.23 3.30 18.72
N TRP A 77 -10.20 3.85 18.00
CA TRP A 77 -10.34 3.53 16.57
C TRP A 77 -9.51 4.45 15.69
N VAL A 78 -8.96 3.83 14.64
CA VAL A 78 -8.07 4.49 13.71
C VAL A 78 -8.67 4.38 12.33
N GLY A 79 -8.99 5.52 11.73
CA GLY A 79 -9.62 5.56 10.41
C GLY A 79 -8.71 4.96 9.34
N ALA A 80 -9.31 4.22 8.41
CA ALA A 80 -8.52 3.50 7.38
C ALA A 80 -7.85 4.42 6.37
N GLY A 81 -8.34 5.66 6.28
CA GLY A 81 -7.72 6.64 5.40
C GLY A 81 -6.49 7.32 6.00
N THR A 82 -6.20 7.05 7.26
CA THR A 82 -5.01 7.58 7.94
C THR A 82 -3.74 6.98 7.36
N LEU A 83 -2.70 7.80 7.24
CA LEU A 83 -1.43 7.33 6.69
C LEU A 83 -0.65 6.53 7.75
N LEU A 84 -0.28 5.32 7.38
CA LEU A 84 0.53 4.47 8.26
C LEU A 84 1.85 5.17 8.75
N PRO A 85 2.58 5.88 7.85
CA PRO A 85 3.78 6.60 8.37
C PRO A 85 3.50 7.57 9.53
N LEU A 86 2.34 8.22 9.50
CA LEU A 86 1.93 9.08 10.60
C LEU A 86 1.74 8.27 11.89
N LEU A 87 1.02 7.15 11.78
CA LEU A 87 0.78 6.32 12.97
C LEU A 87 2.05 5.74 13.56
N VAL A 88 2.98 5.32 12.70
CA VAL A 88 4.28 4.82 13.15
C VAL A 88 4.99 5.86 14.05
N GLN A 89 5.03 7.11 13.62
CA GLN A 89 5.65 8.16 14.42
C GLN A 89 4.82 8.52 15.65
N GLU A 90 3.50 8.57 15.49
CA GLU A 90 2.64 8.90 16.63
C GLU A 90 2.77 7.87 17.74
N ALA A 91 2.90 6.60 17.35
CA ALA A 91 3.02 5.53 18.34
C ALA A 91 4.32 5.72 19.11
N ALA A 92 5.42 6.04 18.42
CA ALA A 92 6.69 6.31 19.11
C ALA A 92 6.52 7.49 20.09
N ARG A 93 5.88 8.57 19.66
CA ARG A 93 5.67 9.76 20.51
C ARG A 93 4.84 9.45 21.76
N ALA A 94 3.94 8.48 21.65
CA ALA A 94 3.06 8.07 22.74
C ALA A 94 3.63 6.95 23.61
N GLY A 95 4.81 6.47 23.24
CA GLY A 95 5.47 5.38 23.97
C GLY A 95 4.73 4.07 23.79
N LEU A 96 4.18 3.87 22.59
CA LEU A 96 3.43 2.68 22.27
C LEU A 96 4.13 1.88 21.18
N SER A 97 4.39 0.63 21.49
CA SER A 97 5.16 -0.26 20.65
C SER A 97 4.26 -1.22 19.88
N GLY A 98 4.66 -1.57 18.66
CA GLY A 98 3.91 -2.48 17.82
C GLY A 98 3.89 -2.13 16.34
N LEU A 99 4.22 -0.90 16.02
CA LEU A 99 4.26 -0.45 14.63
C LEU A 99 5.66 -0.26 14.06
N GLU A 100 6.69 -0.49 14.89
CA GLU A 100 8.07 -0.21 14.48
C GLU A 100 8.46 -0.94 13.19
N GLY A 101 8.01 -2.18 13.05
CA GLY A 101 8.33 -3.01 11.87
C GLY A 101 7.62 -2.56 10.59
N LEU A 102 6.76 -1.54 10.72
CA LEU A 102 6.04 -0.98 9.57
C LEU A 102 6.60 0.34 9.09
N LEU A 103 7.70 0.77 9.72
CA LEU A 103 8.41 1.97 9.26
C LEU A 103 8.84 1.83 7.81
N GLY A 104 8.65 2.89 7.04
CA GLY A 104 9.07 2.94 5.64
C GLY A 104 8.04 2.45 4.64
N ILE A 105 6.86 2.05 5.11
CA ILE A 105 5.79 1.59 4.21
C ILE A 105 4.80 2.76 4.04
N PRO A 106 4.75 3.37 2.83
CA PRO A 106 3.96 4.57 2.61
C PRO A 106 2.48 4.23 2.27
N ALA A 107 1.85 3.50 3.18
CA ALA A 107 0.49 3.01 3.02
C ALA A 107 -0.53 3.88 3.73
N GLN A 108 -1.78 3.86 3.26
CA GLN A 108 -2.90 4.12 4.15
C GLN A 108 -3.18 2.87 4.98
N VAL A 109 -3.81 3.06 6.13
CA VAL A 109 -4.16 1.91 6.96
C VAL A 109 -4.94 0.85 6.18
N GLY A 110 -5.94 1.27 5.40
CA GLY A 110 -6.77 0.32 4.65
C GLY A 110 -5.94 -0.51 3.65
N GLY A 111 -5.02 0.16 2.96
CA GLY A 111 -4.14 -0.50 1.99
C GLY A 111 -3.18 -1.45 2.67
N ALA A 112 -2.65 -1.03 3.82
CA ALA A 112 -1.81 -1.91 4.63
C ALA A 112 -2.54 -3.18 5.09
N VAL A 113 -3.82 -3.06 5.45
CA VAL A 113 -4.64 -4.22 5.78
C VAL A 113 -4.84 -5.11 4.56
N LYS A 114 -5.26 -4.52 3.44
CA LYS A 114 -5.56 -5.31 2.24
C LYS A 114 -4.33 -6.11 1.82
N MET A 115 -3.16 -5.46 1.85
CA MET A 115 -1.93 -6.10 1.40
C MET A 115 -1.11 -6.74 2.50
N ASN A 116 -1.65 -6.79 3.71
CA ASN A 116 -0.89 -7.22 4.90
C ASN A 116 0.54 -6.73 4.84
N ALA A 117 0.68 -5.41 4.69
CA ALA A 117 2.01 -4.80 4.50
C ALA A 117 2.96 -5.18 5.63
N GLY A 118 4.23 -5.41 5.28
CA GLY A 118 5.19 -5.75 6.32
C GLY A 118 6.61 -5.83 5.86
N THR A 119 7.47 -6.02 6.85
CA THR A 119 8.90 -6.21 6.65
C THR A 119 9.27 -7.48 7.39
N ARG A 120 10.57 -7.77 7.46
CA ARG A 120 11.04 -8.92 8.25
C ARG A 120 10.78 -8.73 9.76
N PHE A 121 10.46 -7.51 10.16
CA PHE A 121 10.29 -7.14 11.57
C PHE A 121 8.85 -7.20 12.08
N GLY A 122 7.91 -7.36 11.16
CA GLY A 122 6.51 -7.36 11.54
C GLY A 122 5.62 -7.06 10.35
N GLU A 123 4.36 -7.44 10.48
CA GLU A 123 3.39 -7.25 9.41
C GLU A 123 2.11 -6.66 9.99
N MET A 124 1.31 -6.04 9.14
CA MET A 124 0.13 -5.31 9.59
C MET A 124 -0.80 -6.18 10.43
N ALA A 125 -0.97 -7.44 10.04
CA ALA A 125 -1.84 -8.38 10.73
C ALA A 125 -1.47 -8.47 12.20
N ASP A 126 -0.17 -8.40 12.51
CA ASP A 126 0.34 -8.51 13.89
C ASP A 126 -0.09 -7.34 14.77
N ALA A 127 -0.40 -6.21 14.13
CA ALA A 127 -0.65 -4.94 14.82
C ALA A 127 -2.14 -4.64 14.97
N LEU A 128 -2.98 -5.61 14.60
CA LEU A 128 -4.43 -5.41 14.63
C LEU A 128 -5.12 -6.12 15.78
N GLU A 129 -6.08 -5.42 16.40
CA GLU A 129 -7.03 -6.01 17.34
C GLU A 129 -8.41 -6.22 16.73
N ALA A 130 -8.85 -5.31 15.87
CA ALA A 130 -10.18 -5.41 15.26
C ALA A 130 -10.16 -4.61 13.97
N VAL A 131 -11.02 -4.97 13.04
CA VAL A 131 -11.07 -4.28 11.77
C VAL A 131 -12.54 -4.09 11.39
N GLU A 132 -12.93 -2.84 11.12
CA GLU A 132 -14.28 -2.55 10.60
C GLU A 132 -14.20 -2.65 9.07
N VAL A 133 -15.10 -3.44 8.48
CA VAL A 133 -15.14 -3.63 7.03
C VAL A 133 -16.55 -3.36 6.55
N PHE A 134 -16.65 -2.50 5.53
CA PHE A 134 -17.92 -2.21 4.88
C PHE A 134 -18.07 -3.12 3.67
N HIS A 135 -19.15 -3.91 3.64
CA HIS A 135 -19.44 -4.77 2.50
C HIS A 135 -20.93 -5.11 2.50
N ASP A 136 -21.46 -5.40 1.31
CA ASP A 136 -22.89 -5.67 1.12
C ASP A 136 -23.75 -4.58 1.76
N GLY A 137 -23.27 -3.34 1.71
CA GLY A 137 -24.03 -2.19 2.16
C GLY A 137 -24.12 -2.00 3.65
N ALA A 138 -23.30 -2.71 4.42
CA ALA A 138 -23.30 -2.61 5.87
C ALA A 138 -21.90 -2.68 6.47
N PHE A 139 -21.74 -2.20 7.71
CA PHE A 139 -20.45 -2.23 8.39
C PHE A 139 -20.43 -3.41 9.34
N HIS A 140 -19.31 -4.12 9.39
CA HIS A 140 -19.15 -5.26 10.29
C HIS A 140 -17.76 -5.23 10.88
N VAL A 141 -17.63 -5.79 12.08
CA VAL A 141 -16.35 -5.80 12.79
C VAL A 141 -15.79 -7.20 12.81
N TYR A 142 -14.51 -7.31 12.44
CA TYR A 142 -13.81 -8.59 12.38
C TYR A 142 -12.56 -8.56 13.23
N CYS A 143 -12.15 -9.73 13.74
CA CYS A 143 -10.80 -9.90 14.26
C CYS A 143 -9.89 -10.24 13.09
N PRO A 144 -8.57 -9.95 13.21
CA PRO A 144 -7.65 -10.23 12.10
C PRO A 144 -7.62 -11.70 11.66
N GLU A 145 -7.82 -12.60 12.61
CA GLU A 145 -7.83 -14.05 12.30
C GLU A 145 -8.95 -14.45 11.35
N GLU A 146 -9.94 -13.54 11.16
CA GLU A 146 -11.07 -13.79 10.25
C GLU A 146 -10.80 -13.32 8.81
N LEU A 147 -9.68 -12.63 8.61
CA LEU A 147 -9.43 -11.95 7.34
C LEU A 147 -8.43 -12.63 6.41
N GLY A 148 -8.08 -13.87 6.71
CA GLY A 148 -7.28 -14.70 5.79
C GLY A 148 -5.93 -14.09 5.44
N PHE A 149 -5.23 -13.57 6.43
CA PHE A 149 -3.93 -12.97 6.18
C PHE A 149 -2.87 -13.98 5.76
N GLY A 150 -1.97 -13.55 4.85
CA GLY A 150 -0.72 -14.27 4.51
C GLY A 150 0.33 -13.30 4.00
N TYR A 151 1.39 -13.79 3.35
CA TYR A 151 2.41 -12.92 2.75
C TYR A 151 1.82 -12.06 1.63
N ARG A 152 1.84 -10.74 1.85
CA ARG A 152 1.35 -9.75 0.88
C ARG A 152 -0.10 -10.05 0.52
N LYS A 153 -0.84 -10.62 1.48
CA LYS A 153 -2.18 -11.16 1.15
C LYS A 153 -3.22 -11.02 2.25
N SER A 154 -4.45 -10.75 1.84
CA SER A 154 -5.63 -10.89 2.71
C SER A 154 -6.79 -11.55 1.94
N HIS A 155 -7.82 -11.94 2.67
CA HIS A 155 -9.04 -12.45 2.08
C HIS A 155 -10.22 -11.70 2.73
N LEU A 156 -10.39 -10.44 2.32
CA LEU A 156 -11.49 -9.64 2.81
C LEU A 156 -12.81 -10.12 2.22
N PRO A 157 -13.92 -9.84 2.93
CA PRO A 157 -15.22 -10.15 2.32
C PRO A 157 -15.31 -9.51 0.94
N PRO A 158 -16.00 -10.17 0.00
CA PRO A 158 -16.08 -9.59 -1.34
C PRO A 158 -16.58 -8.15 -1.35
N GLY A 159 -15.88 -7.29 -2.08
CA GLY A 159 -16.21 -5.88 -2.18
C GLY A 159 -15.85 -5.08 -0.94
N GLY A 160 -15.20 -5.75 0.02
CA GLY A 160 -14.93 -5.15 1.33
C GLY A 160 -14.03 -3.94 1.31
N ILE A 161 -14.50 -2.90 2.00
CA ILE A 161 -13.70 -1.70 2.24
C ILE A 161 -13.36 -1.62 3.73
N VAL A 162 -12.06 -1.64 4.04
CA VAL A 162 -11.61 -1.44 5.42
C VAL A 162 -11.85 0.03 5.74
N THR A 163 -12.59 0.29 6.81
CA THR A 163 -12.98 1.68 7.16
C THR A 163 -12.30 2.22 8.43
N ARG A 164 -11.99 1.33 9.37
CA ARG A 164 -11.39 1.72 10.63
C ARG A 164 -10.76 0.46 11.26
N VAL A 165 -9.74 0.66 12.09
CA VAL A 165 -9.11 -0.45 12.81
C VAL A 165 -8.88 -0.10 14.28
N ARG A 166 -8.71 -1.13 15.10
CA ARG A 166 -8.15 -0.99 16.43
C ARG A 166 -6.77 -1.64 16.40
N LEU A 167 -5.78 -0.91 16.88
CA LEU A 167 -4.41 -1.40 16.86
C LEU A 167 -4.05 -2.16 18.13
N LYS A 168 -3.12 -3.10 17.99
CA LYS A 168 -2.58 -3.87 19.11
C LYS A 168 -1.24 -3.27 19.51
N LEU A 169 -1.24 -2.43 20.54
CA LEU A 169 -0.04 -1.74 20.98
C LEU A 169 0.23 -1.96 22.45
N LYS A 170 1.49 -1.78 22.83
CA LYS A 170 1.95 -2.06 24.19
C LYS A 170 2.90 -0.96 24.64
N GLU A 171 2.76 -0.52 25.89
CA GLU A 171 3.60 0.54 26.43
C GLU A 171 5.05 0.09 26.52
N ARG A 172 5.95 1.00 26.11
CA ARG A 172 7.39 0.76 26.07
C ARG A 172 8.06 2.12 26.19
N PRO A 173 9.27 2.16 26.79
CA PRO A 173 10.00 3.42 26.86
C PRO A 173 10.23 3.96 25.46
N LYS A 174 10.05 5.27 25.30
CA LYS A 174 10.13 5.91 23.98
C LYS A 174 11.48 5.68 23.33
N GLU A 175 12.55 5.74 24.11
CA GLU A 175 13.88 5.57 23.55
C GLU A 175 14.09 4.15 22.98
N GLU A 176 13.46 3.15 23.60
CA GLU A 176 13.52 1.76 23.11
C GLU A 176 12.77 1.59 21.79
N ILE A 177 11.60 2.20 21.70
CA ILE A 177 10.83 2.19 20.45
C ILE A 177 11.64 2.79 19.31
N LEU A 178 12.27 3.94 19.59
CA LEU A 178 13.08 4.61 18.59
C LEU A 178 14.30 3.78 18.18
N ARG A 179 14.86 3.03 19.11
CA ARG A 179 15.99 2.16 18.80
C ARG A 179 15.57 1.02 17.85
N ARG A 180 14.41 0.42 18.11
CA ARG A 180 13.85 -0.59 17.22
C ARG A 180 13.60 -0.03 15.82
N MET A 181 13.02 1.18 15.78
CA MET A 181 12.81 1.88 14.51
C MET A 181 14.12 2.15 13.78
N ALA A 182 15.19 2.46 14.53
CA ALA A 182 16.48 2.73 13.89
C ALA A 182 17.01 1.48 13.17
N GLU A 183 16.75 0.30 13.72
CA GLU A 183 17.16 -0.95 13.08
C GLU A 183 16.39 -1.18 11.78
N VAL A 184 15.09 -0.87 11.80
CA VAL A 184 14.32 -0.96 10.56
C VAL A 184 14.86 -0.01 9.49
N ASP A 185 15.19 1.22 9.88
CA ASP A 185 15.78 2.21 8.98
C ASP A 185 17.07 1.69 8.38
N ARG A 186 17.92 1.11 9.23
CA ARG A 186 19.22 0.58 8.79
C ARG A 186 19.00 -0.54 7.77
N ALA A 187 18.02 -1.40 8.03
CA ALA A 187 17.70 -2.53 7.13
C ALA A 187 17.18 -2.07 5.76
N ARG A 188 16.55 -0.90 5.74
CA ARG A 188 15.99 -0.35 4.49
C ARG A 188 16.95 0.56 3.72
N LYS A 189 18.19 0.71 4.21
CA LYS A 189 19.15 1.68 3.63
C LYS A 189 19.40 1.48 2.14
N GLY A 190 19.36 0.25 1.68
CA GLY A 190 19.60 -0.04 0.26
C GLY A 190 18.48 0.31 -0.70
N GLN A 191 17.38 0.82 -0.18
CA GLN A 191 16.20 1.07 -1.02
C GLN A 191 16.14 2.50 -1.54
N PRO A 192 15.72 2.68 -2.79
CA PRO A 192 15.51 4.04 -3.29
C PRO A 192 14.24 4.70 -2.70
N LYS A 193 14.30 6.01 -2.53
CA LYS A 193 13.12 6.81 -2.21
C LYS A 193 12.94 7.81 -3.34
N ARG A 194 12.46 7.29 -4.47
CA ARG A 194 12.08 8.11 -5.62
C ARG A 194 10.68 7.67 -6.04
N LYS A 195 10.22 8.10 -7.21
CA LYS A 195 8.95 7.65 -7.73
C LYS A 195 9.05 6.17 -8.03
N SER A 196 8.30 5.37 -7.28
CA SER A 196 8.29 3.91 -7.37
C SER A 196 7.02 3.40 -6.71
N ALA A 197 6.71 2.13 -6.90
CA ALA A 197 5.65 1.49 -6.14
C ALA A 197 6.28 0.37 -5.32
N GLY A 198 7.45 0.66 -4.77
CA GLY A 198 8.15 -0.28 -3.92
C GLY A 198 8.63 -1.48 -4.72
N CYS A 199 8.61 -2.66 -4.10
CA CYS A 199 9.04 -3.87 -4.79
C CYS A 199 8.03 -4.29 -5.85
N ALA A 200 8.47 -4.38 -7.10
CA ALA A 200 7.59 -4.79 -8.18
C ALA A 200 7.19 -6.25 -8.11
N PHE A 201 8.13 -7.12 -7.72
CA PHE A 201 7.92 -8.55 -7.71
C PHE A 201 7.88 -9.09 -6.28
N LYS A 202 7.02 -10.08 -6.04
CA LYS A 202 7.07 -10.77 -4.77
C LYS A 202 8.33 -11.63 -4.68
N ASN A 203 8.86 -11.84 -3.47
CA ASN A 203 10.02 -12.72 -3.30
C ASN A 203 9.57 -14.16 -3.38
N PRO A 204 10.26 -15.00 -4.19
CA PRO A 204 10.06 -16.44 -4.01
C PRO A 204 10.45 -16.81 -2.57
N PRO A 205 9.76 -17.79 -1.95
CA PRO A 205 9.95 -18.11 -0.54
C PRO A 205 11.39 -18.09 0.01
N GLY A 206 12.32 -18.78 -0.64
CA GLY A 206 13.68 -18.81 -0.09
C GLY A 206 14.54 -17.57 -0.29
N GLN A 207 14.05 -16.61 -1.09
CA GLN A 207 14.93 -15.72 -1.83
C GLN A 207 14.54 -14.23 -1.83
N SER A 208 15.42 -13.40 -2.40
CA SER A 208 15.13 -11.99 -2.68
C SER A 208 15.07 -11.78 -4.20
N ALA A 209 13.91 -11.35 -4.69
CA ALA A 209 13.74 -11.03 -6.11
C ALA A 209 14.76 -9.98 -6.52
N GLY A 210 14.97 -9.00 -5.65
CA GLY A 210 15.96 -7.94 -5.92
C GLY A 210 17.35 -8.50 -6.20
N ARG A 211 17.79 -9.42 -5.34
CA ARG A 211 19.11 -10.05 -5.49
C ARG A 211 19.20 -10.88 -6.78
N LEU A 212 18.13 -11.60 -7.11
CA LEU A 212 18.07 -12.36 -8.35
C LEU A 212 18.16 -11.44 -9.59
N ILE A 213 17.42 -10.34 -9.58
CA ILE A 213 17.46 -9.36 -10.67
C ILE A 213 18.87 -8.77 -10.81
N ASP A 214 19.46 -8.43 -9.67
CA ASP A 214 20.82 -7.89 -9.58
C ASP A 214 21.80 -8.85 -10.25
N GLU A 215 21.73 -10.14 -9.87
CA GLU A 215 22.68 -11.14 -10.37
C GLU A 215 22.56 -11.36 -11.87
N ARG A 216 21.35 -11.15 -12.41
CA ARG A 216 21.10 -11.33 -13.84
C ARG A 216 21.50 -10.08 -14.62
N GLY A 217 22.01 -9.06 -13.91
CA GLY A 217 22.53 -7.85 -14.55
C GLY A 217 21.48 -6.89 -15.07
N LEU A 218 20.25 -7.05 -14.58
CA LEU A 218 19.15 -6.28 -15.15
C LEU A 218 19.00 -4.87 -14.59
N LYS A 219 19.71 -4.54 -13.50
CA LYS A 219 19.68 -3.19 -12.98
C LYS A 219 20.11 -2.23 -14.08
N GLY A 220 19.43 -1.11 -14.18
CA GLY A 220 19.79 -0.09 -15.18
C GLY A 220 19.08 -0.21 -16.53
N LEU A 221 18.44 -1.34 -16.78
CA LEU A 221 17.68 -1.49 -18.02
C LEU A 221 16.50 -0.55 -18.03
N ARG A 222 16.22 0.01 -19.22
CA ARG A 222 15.30 1.12 -19.36
C ARG A 222 14.33 0.91 -20.52
N VAL A 223 13.10 1.39 -20.35
CA VAL A 223 12.13 1.48 -21.44
C VAL A 223 11.47 2.84 -21.26
N GLY A 224 11.79 3.80 -22.13
CA GLY A 224 11.32 5.18 -21.94
C GLY A 224 11.86 5.77 -20.64
N ASP A 225 10.96 6.27 -19.78
CA ASP A 225 11.35 6.80 -18.49
C ASP A 225 11.18 5.78 -17.35
N ALA A 226 10.87 4.53 -17.70
CA ALA A 226 10.82 3.43 -16.72
C ALA A 226 12.19 2.74 -16.64
N MET A 227 12.70 2.55 -15.42
CA MET A 227 14.02 1.96 -15.24
C MET A 227 14.11 1.02 -14.04
N ILE A 228 14.79 -0.12 -14.22
CA ILE A 228 15.14 -0.93 -13.06
C ILE A 228 16.21 -0.20 -12.26
N SER A 229 15.88 0.16 -11.03
CA SER A 229 16.77 0.97 -10.20
C SER A 229 18.20 0.41 -10.11
N LEU A 230 19.17 1.33 -10.10
CA LEU A 230 20.56 0.94 -9.90
C LEU A 230 20.82 0.60 -8.43
N GLU A 231 19.94 1.08 -7.55
CA GLU A 231 20.10 0.89 -6.09
C GLU A 231 19.53 -0.43 -5.55
N HIS A 232 18.40 -0.87 -6.11
CA HIS A 232 17.72 -2.11 -5.67
C HIS A 232 16.99 -2.68 -6.88
N GLY A 233 17.31 -3.93 -7.22
CA GLY A 233 16.81 -4.55 -8.44
C GLY A 233 15.30 -4.74 -8.50
N ASN A 234 14.66 -4.81 -7.34
CA ASN A 234 13.21 -5.02 -7.30
C ASN A 234 12.43 -3.71 -7.37
N PHE A 235 13.14 -2.58 -7.49
CA PHE A 235 12.46 -1.31 -7.60
C PHE A 235 12.52 -0.86 -9.05
N ILE A 236 11.36 -0.78 -9.69
CA ILE A 236 11.26 -0.10 -10.97
C ILE A 236 10.88 1.32 -10.65
N VAL A 237 11.66 2.26 -11.19
CA VAL A 237 11.46 3.66 -10.89
C VAL A 237 11.00 4.47 -12.13
N ASN A 238 10.30 5.57 -11.86
CA ASN A 238 9.81 6.50 -12.88
C ASN A 238 10.74 7.72 -12.87
N LEU A 239 11.53 7.85 -13.94
CA LEU A 239 12.50 8.94 -14.07
C LEU A 239 11.85 10.29 -14.45
N GLY A 240 10.56 10.28 -14.76
CA GLY A 240 9.85 11.54 -15.01
C GLY A 240 8.45 11.40 -15.55
N GLN A 241 8.34 11.00 -16.82
CA GLN A 241 7.06 10.84 -17.49
C GLN A 241 6.86 9.46 -18.13
N ALA A 242 7.21 8.41 -17.37
CA ALA A 242 6.97 7.05 -17.81
C ALA A 242 5.50 6.81 -18.10
N ARG A 243 5.23 6.05 -19.15
CA ARG A 243 3.89 5.52 -19.38
C ARG A 243 3.80 4.15 -18.73
N ALA A 244 2.59 3.75 -18.33
CA ALA A 244 2.38 2.41 -17.78
C ALA A 244 2.82 1.36 -18.79
N LYS A 245 2.59 1.65 -20.07
CA LYS A 245 3.06 0.82 -21.20
C LYS A 245 4.55 0.47 -21.09
N ASP A 246 5.37 1.46 -20.74
CA ASP A 246 6.83 1.30 -20.59
C ASP A 246 7.18 0.48 -19.36
N VAL A 247 6.45 0.72 -18.28
CA VAL A 247 6.64 -0.06 -17.06
C VAL A 247 6.32 -1.54 -17.29
N LEU A 248 5.17 -1.82 -17.91
CA LEU A 248 4.77 -3.19 -18.27
C LEU A 248 5.80 -3.87 -19.15
N GLU A 249 6.37 -3.13 -20.10
CA GLU A 249 7.35 -3.71 -21.01
C GLU A 249 8.57 -4.17 -20.21
N LEU A 250 9.02 -3.30 -19.29
CA LEU A 250 10.13 -3.63 -18.41
C LEU A 250 9.85 -4.84 -17.51
N VAL A 251 8.62 -4.95 -17.02
CA VAL A 251 8.20 -6.10 -16.24
C VAL A 251 8.34 -7.38 -17.07
N ARG A 252 7.85 -7.34 -18.30
CA ARG A 252 7.93 -8.50 -19.21
C ARG A 252 9.40 -8.85 -19.50
N ARG A 253 10.24 -7.84 -19.69
CA ARG A 253 11.69 -8.07 -19.87
C ARG A 253 12.30 -8.88 -18.71
N VAL A 254 11.94 -8.52 -17.48
CA VAL A 254 12.41 -9.24 -16.30
C VAL A 254 11.87 -10.67 -16.32
N GLN A 255 10.58 -10.80 -16.60
CA GLN A 255 9.94 -12.12 -16.60
C GLN A 255 10.45 -13.05 -17.71
N GLU A 256 11.03 -12.49 -18.77
CA GLU A 256 11.69 -13.33 -19.79
C GLU A 256 12.91 -14.04 -19.20
N GLU A 257 13.53 -13.42 -18.19
CA GLU A 257 14.78 -13.95 -17.62
C GLU A 257 14.58 -14.74 -16.31
N LEU A 258 13.54 -14.38 -15.56
CA LEU A 258 13.30 -14.89 -14.20
C LEU A 258 11.79 -15.15 -13.99
N PRO A 259 11.43 -16.34 -13.51
CA PRO A 259 10.03 -16.67 -13.22
C PRO A 259 9.52 -15.96 -11.96
N LEU A 260 9.33 -14.65 -12.08
CA LEU A 260 8.87 -13.84 -10.96
C LEU A 260 7.44 -13.39 -11.18
N GLU A 261 6.67 -13.31 -10.10
CA GLU A 261 5.30 -12.80 -10.15
C GLU A 261 5.24 -11.39 -9.56
N LEU A 262 4.39 -10.54 -10.12
CA LEU A 262 4.22 -9.18 -9.62
C LEU A 262 3.68 -9.12 -8.19
N GLU A 263 4.23 -8.22 -7.38
CA GLU A 263 3.59 -7.83 -6.11
C GLU A 263 2.56 -6.73 -6.36
N TRP A 264 2.86 -5.83 -7.30
CA TRP A 264 1.94 -4.77 -7.66
C TRP A 264 0.59 -5.32 -8.08
N GLU A 265 -0.45 -4.58 -7.72
CA GLU A 265 -1.80 -4.76 -8.27
C GLU A 265 -1.87 -3.91 -9.54
N VAL A 266 -2.39 -4.51 -10.61
CA VAL A 266 -2.54 -3.79 -11.87
C VAL A 266 -4.00 -3.38 -12.05
N TRP A 267 -4.21 -2.10 -12.39
CA TRP A 267 -5.53 -1.56 -12.72
C TRP A 267 -5.55 -1.14 -14.18
N PRO A 268 -6.55 -1.61 -14.96
CA PRO A 268 -7.64 -2.51 -14.61
C PRO A 268 -7.17 -3.96 -14.60
#